data_5MQE
#
_entry.id   5MQE
#
_cell.length_a   122.373
_cell.length_b   122.373
_cell.length_c   39.952
_cell.angle_alpha   90.00
_cell.angle_beta   90.00
_cell.angle_gamma   120.00
#
_symmetry.space_group_name_H-M   'H 3'
#
loop_
_entity.id
_entity.type
_entity.pdbx_description
1 polymer 'CREB-binding protein'
2 non-polymer 4-bromanyl-~{N}-methyl-1~{H}-pyrrole-2-carboxamide
3 water water
#
_entity_poly.entity_id   1
_entity_poly.type   'polypeptide(L)'
_entity_poly.pdbx_seq_one_letter_code
;SMRKKIFKPEELRQALMPTLEALYRQDPESLPFRQPVDPQLLGIPDYFDIVKNPMDLSTIKRKLDTGQYQEPWQYVDDVW
LMFNNAWLYNRKTSRVYKFCSKLAEVFEQEIDPVMQSLG
;
_entity_poly.pdbx_strand_id   A,B
#
loop_
_chem_comp.id
_chem_comp.type
_chem_comp.name
_chem_comp.formula
PKU non-polymer 4-bromanyl-~{N}-methyl-1~{H}-pyrrole-2-carboxamide 'C6 H7 Br N2 O'
#
# COMPACT_ATOMS: atom_id res chain seq x y z
N LYS A 5 -8.23 14.47 -16.27
CA LYS A 5 -7.03 14.26 -15.45
C LYS A 5 -7.01 12.86 -14.84
N ILE A 6 -6.04 12.05 -15.26
CA ILE A 6 -5.83 10.72 -14.71
C ILE A 6 -4.51 10.72 -13.95
N PHE A 7 -4.47 10.02 -12.82
CA PHE A 7 -3.31 10.00 -11.95
C PHE A 7 -2.53 8.70 -12.10
N LYS A 8 -1.21 8.82 -12.14
CA LYS A 8 -0.37 7.63 -12.17
C LYS A 8 -0.07 7.17 -10.75
N PRO A 9 -0.16 5.87 -10.49
CA PRO A 9 -0.17 5.40 -9.10
C PRO A 9 1.06 5.80 -8.30
N GLU A 10 2.25 5.69 -8.88
CA GLU A 10 3.45 6.11 -8.15
C GLU A 10 3.54 7.62 -8.00
N GLU A 11 2.92 8.38 -8.92
CA GLU A 11 2.92 9.84 -8.82
C GLU A 11 2.00 10.31 -7.70
N LEU A 12 0.80 9.75 -7.67
CA LEU A 12 -0.13 10.02 -6.58
C LEU A 12 0.48 9.66 -5.23
N ARG A 13 1.17 8.52 -5.18
CA ARG A 13 1.82 8.12 -3.93
C ARG A 13 2.89 9.13 -3.51
N GLN A 14 3.73 9.54 -4.43
CA GLN A 14 4.78 10.51 -4.08
C GLN A 14 4.18 11.84 -3.61
N ALA A 15 3.04 12.23 -4.17
CA ALA A 15 2.44 13.52 -3.83
C ALA A 15 1.82 13.49 -2.45
N LEU A 16 1.19 12.39 -2.11
CA LEU A 16 0.44 12.33 -0.85
C LEU A 16 1.26 11.79 0.31
N MET A 17 2.31 11.01 0.04
CA MET A 17 3.03 10.36 1.12
C MET A 17 3.58 11.32 2.17
N PRO A 18 4.13 12.49 1.84
CA PRO A 18 4.56 13.43 2.90
C PRO A 18 3.46 13.79 3.89
N THR A 19 2.21 13.88 3.44
CA THR A 19 1.13 14.22 4.37
C THR A 19 0.88 13.08 5.35
N LEU A 20 1.04 11.84 4.89
CA LEU A 20 0.86 10.68 5.76
C LEU A 20 2.06 10.53 6.67
N GLU A 21 3.27 10.76 6.14
CA GLU A 21 4.46 10.72 6.98
C GLU A 21 4.39 11.77 8.10
N ALA A 22 3.79 12.93 7.83
CA ALA A 22 3.64 13.95 8.87
C ALA A 22 2.78 13.43 10.03
N LEU A 23 1.75 12.65 9.73
CA LEU A 23 0.94 12.09 10.81
C LEU A 23 1.75 11.07 11.60
N TYR A 24 2.44 10.19 10.90
CA TYR A 24 3.27 9.17 11.55
C TYR A 24 4.35 9.76 12.44
N ARG A 25 4.89 10.92 12.06
N ARG A 25 4.90 10.92 12.08
CA ARG A 25 5.97 11.54 12.83
CA ARG A 25 5.99 11.46 12.88
C ARG A 25 5.52 11.96 14.21
C ARG A 25 5.51 12.27 14.07
N GLN A 26 4.23 12.21 14.42
CA GLN A 26 3.75 12.74 15.69
C GLN A 26 3.89 11.68 16.79
N ASP A 27 4.73 11.95 17.78
CA ASP A 27 4.86 11.10 18.96
C ASP A 27 4.62 11.98 20.17
N PRO A 28 3.64 11.69 21.05
CA PRO A 28 2.92 10.41 21.09
C PRO A 28 1.62 10.31 20.26
N GLU A 29 1.26 11.37 19.54
CA GLU A 29 -0.13 11.46 19.09
C GLU A 29 -0.49 10.43 18.01
N SER A 30 0.48 9.97 17.19
CA SER A 30 0.14 8.94 16.22
C SER A 30 0.03 7.54 16.83
N LEU A 31 0.44 7.34 18.08
CA LEU A 31 0.56 5.96 18.58
C LEU A 31 -0.76 5.18 18.56
N PRO A 32 -1.91 5.73 18.95
CA PRO A 32 -3.15 4.94 18.89
C PRO A 32 -3.62 4.66 17.49
N PHE A 33 -2.98 5.23 16.48
CA PHE A 33 -3.47 5.18 15.12
C PHE A 33 -2.54 4.44 14.18
N ARG A 34 -1.44 3.89 14.70
CA ARG A 34 -0.46 3.23 13.85
C ARG A 34 -0.81 1.79 13.53
N GLN A 35 -1.86 1.25 14.12
CA GLN A 35 -2.29 -0.13 13.88
C GLN A 35 -3.80 -0.19 13.97
N PRO A 36 -4.43 -1.17 13.31
CA PRO A 36 -5.90 -1.30 13.40
C PRO A 36 -6.35 -1.56 14.84
N VAL A 37 -7.48 -0.95 15.21
CA VAL A 37 -8.10 -1.28 16.49
C VAL A 37 -8.51 -2.74 16.47
N ASP A 38 -8.07 -3.49 17.49
CA ASP A 38 -8.47 -4.88 17.66
C ASP A 38 -9.36 -4.97 18.89
N PRO A 39 -10.69 -4.95 18.73
CA PRO A 39 -11.57 -4.89 19.91
C PRO A 39 -11.44 -6.07 20.85
N GLN A 40 -11.13 -7.25 20.32
CA GLN A 40 -10.94 -8.43 21.17
C GLN A 40 -9.69 -8.27 22.04
N LEU A 41 -8.56 -7.96 21.41
CA LEU A 41 -7.34 -7.75 22.19
C LEU A 41 -7.52 -6.64 23.20
N LEU A 42 -8.19 -5.56 22.82
CA LEU A 42 -8.37 -4.43 23.71
C LEU A 42 -9.53 -4.61 24.69
N GLY A 43 -10.34 -5.65 24.56
CA GLY A 43 -11.47 -5.80 25.46
C GLY A 43 -12.48 -4.68 25.32
N ILE A 44 -12.78 -4.26 24.09
CA ILE A 44 -13.84 -3.27 23.91
C ILE A 44 -14.82 -3.85 22.89
N PRO A 45 -15.62 -4.84 23.26
CA PRO A 45 -16.51 -5.48 22.28
C PRO A 45 -17.48 -4.51 21.61
N ASP A 46 -17.75 -3.34 22.19
CA ASP A 46 -18.73 -2.47 21.55
C ASP A 46 -18.17 -1.73 20.34
N TYR A 47 -16.86 -1.81 20.08
CA TYR A 47 -16.25 -0.92 19.11
C TYR A 47 -16.89 -1.03 17.73
N PHE A 48 -17.01 -2.24 17.20
CA PHE A 48 -17.54 -2.35 15.85
C PHE A 48 -19.05 -2.11 15.78
N ASP A 49 -19.74 -1.97 16.92
CA ASP A 49 -21.13 -1.54 16.88
C ASP A 49 -21.25 -0.05 16.60
N ILE A 50 -20.22 0.71 16.90
CA ILE A 50 -20.22 2.15 16.65
C ILE A 50 -19.40 2.50 15.41
N VAL A 51 -18.26 1.84 15.22
CA VAL A 51 -17.35 2.13 14.10
C VAL A 51 -17.54 1.03 13.06
N LYS A 52 -18.32 1.34 12.02
CA LYS A 52 -18.63 0.35 10.99
C LYS A 52 -17.52 0.21 9.97
N ASN A 53 -16.70 1.24 9.79
CA ASN A 53 -15.68 1.27 8.75
C ASN A 53 -14.38 1.69 9.41
N PRO A 54 -13.68 0.75 10.05
CA PRO A 54 -12.43 1.08 10.72
C PRO A 54 -11.39 1.54 9.73
N MET A 55 -10.53 2.43 10.19
CA MET A 55 -9.41 2.92 9.40
C MET A 55 -8.31 3.33 10.35
N ASP A 56 -7.06 3.15 9.91
CA ASP A 56 -5.88 3.50 10.68
C ASP A 56 -4.75 3.83 9.73
N LEU A 57 -3.64 4.34 10.28
CA LEU A 57 -2.55 4.81 9.44
C LEU A 57 -1.87 3.66 8.69
N SER A 58 -1.77 2.49 9.30
CA SER A 58 -1.08 1.39 8.61
C SER A 58 -1.90 0.93 7.41
N THR A 59 -3.23 0.96 7.54
CA THR A 59 -4.10 0.60 6.43
C THR A 59 -4.07 1.67 5.34
N ILE A 60 -4.07 2.95 5.72
CA ILE A 60 -3.95 4.03 4.74
C ILE A 60 -2.63 3.93 3.98
N LYS A 61 -1.54 3.64 4.69
CA LYS A 61 -0.24 3.52 4.03
C LYS A 61 -0.24 2.36 3.04
N ARG A 62 -0.74 1.20 3.48
CA ARG A 62 -0.79 0.04 2.60
C ARG A 62 -1.60 0.35 1.34
N LYS A 63 -2.73 1.02 1.50
CA LYS A 63 -3.53 1.42 0.35
C LYS A 63 -2.76 2.37 -0.54
N LEU A 64 -2.00 3.30 0.05
CA LEU A 64 -1.24 4.23 -0.76
C LEU A 64 -0.08 3.52 -1.45
N ASP A 65 0.45 2.45 -0.84
CA ASP A 65 1.57 1.75 -1.45
C ASP A 65 1.13 0.77 -2.54
N THR A 66 -0.15 0.42 -2.60
CA THR A 66 -0.62 -0.62 -3.52
C THR A 66 -1.67 -0.08 -4.50
N GLY A 67 -1.55 1.19 -4.86
CA GLY A 67 -2.42 1.79 -5.87
C GLY A 67 -3.91 1.67 -5.60
N GLN A 68 -4.32 1.66 -4.34
CA GLN A 68 -5.74 1.56 -4.05
C GLN A 68 -6.47 2.89 -4.15
N TYR A 69 -5.76 4.02 -4.15
CA TYR A 69 -6.38 5.32 -4.38
C TYR A 69 -6.18 5.72 -5.84
N GLN A 70 -7.28 5.81 -6.59
CA GLN A 70 -7.22 6.32 -7.95
C GLN A 70 -7.20 7.85 -7.97
N GLU A 71 -7.84 8.49 -7.00
CA GLU A 71 -7.94 9.94 -6.91
C GLU A 71 -7.53 10.41 -5.53
N PRO A 72 -7.01 11.64 -5.41
CA PRO A 72 -6.55 12.12 -4.10
C PRO A 72 -7.66 12.25 -3.07
N TRP A 73 -8.90 12.55 -3.48
CA TRP A 73 -9.98 12.67 -2.50
C TRP A 73 -10.32 11.34 -1.83
N GLN A 74 -10.00 10.22 -2.47
CA GLN A 74 -10.22 8.92 -1.85
C GLN A 74 -9.28 8.74 -0.65
N TYR A 75 -8.05 9.24 -0.76
CA TYR A 75 -7.13 9.23 0.35
C TYR A 75 -7.61 10.17 1.45
N VAL A 76 -7.99 11.40 1.09
CA VAL A 76 -8.45 12.36 2.07
C VAL A 76 -9.66 11.83 2.82
N ASP A 77 -10.53 11.10 2.11
CA ASP A 77 -11.70 10.49 2.76
C ASP A 77 -11.27 9.49 3.84
N ASP A 78 -10.25 8.67 3.55
CA ASP A 78 -9.82 7.66 4.50
C ASP A 78 -9.18 8.29 5.74
N VAL A 79 -8.45 9.39 5.56
CA VAL A 79 -7.86 10.07 6.72
C VAL A 79 -8.96 10.64 7.61
N TRP A 80 -9.96 11.26 7.01
CA TRP A 80 -11.06 11.83 7.80
C TRP A 80 -11.91 10.73 8.44
N LEU A 81 -12.03 9.58 7.78
CA LEU A 81 -12.75 8.45 8.37
C LEU A 81 -12.08 7.98 9.66
N MET A 82 -10.75 7.82 9.62
CA MET A 82 -9.99 7.50 10.83
C MET A 82 -10.27 8.52 11.94
N PHE A 83 -10.22 9.81 11.61
CA PHE A 83 -10.49 10.85 12.62
C PHE A 83 -11.91 10.72 13.16
N ASN A 84 -12.88 10.62 12.25
CA ASN A 84 -14.27 10.67 12.68
C ASN A 84 -14.63 9.46 13.52
N ASN A 85 -14.04 8.29 13.21
CA ASN A 85 -14.19 7.12 14.06
C ASN A 85 -13.75 7.43 15.48
N ALA A 86 -12.57 8.03 15.62
CA ALA A 86 -12.06 8.26 16.98
C ALA A 86 -12.89 9.31 17.72
N TRP A 87 -13.37 10.32 16.99
CA TRP A 87 -14.16 11.36 17.61
C TRP A 87 -15.58 10.91 17.94
N LEU A 88 -16.03 9.78 17.40
CA LEU A 88 -17.33 9.23 17.73
C LEU A 88 -17.25 8.23 18.88
N TYR A 89 -16.15 7.46 18.95
CA TYR A 89 -16.09 6.36 19.90
C TYR A 89 -15.62 6.80 21.27
N ASN A 90 -14.78 7.85 21.34
CA ASN A 90 -14.03 8.21 22.54
C ASN A 90 -14.52 9.51 23.16
N ARG A 91 -14.34 9.60 24.48
CA ARG A 91 -14.66 10.83 25.20
C ARG A 91 -13.81 12.01 24.72
N LYS A 92 -14.38 13.20 24.75
CA LYS A 92 -13.70 14.35 24.18
C LYS A 92 -12.36 14.63 24.88
N THR A 93 -12.26 14.41 26.19
CA THR A 93 -10.99 14.66 26.88
C THR A 93 -10.12 13.39 27.04
N SER A 94 -10.50 12.27 26.40
CA SER A 94 -9.68 11.07 26.41
C SER A 94 -8.40 11.32 25.64
N ARG A 95 -7.37 10.55 25.99
CA ARG A 95 -6.10 10.61 25.26
C ARG A 95 -6.30 10.39 23.75
N VAL A 96 -7.08 9.36 23.39
N VAL A 96 -7.08 9.37 23.38
CA VAL A 96 -7.26 9.07 21.96
CA VAL A 96 -7.24 9.07 21.96
C VAL A 96 -7.88 10.25 21.25
C VAL A 96 -7.92 10.22 21.22
N TYR A 97 -8.93 10.83 21.85
CA TYR A 97 -9.62 11.94 21.20
C TYR A 97 -8.70 13.15 21.05
N LYS A 98 -7.98 13.51 22.13
CA LYS A 98 -7.04 14.62 22.06
C LYS A 98 -5.95 14.34 21.03
N PHE A 99 -5.44 13.11 20.99
CA PHE A 99 -4.40 12.80 20.02
C PHE A 99 -4.96 12.89 18.60
N CYS A 100 -6.19 12.41 18.40
CA CYS A 100 -6.83 12.54 17.11
C CYS A 100 -6.89 13.99 16.66
N SER A 101 -7.30 14.87 17.57
CA SER A 101 -7.43 16.29 17.22
C SER A 101 -6.09 16.89 16.81
N LYS A 102 -5.00 16.47 17.45
CA LYS A 102 -3.68 16.91 17.03
C LYS A 102 -3.36 16.43 15.62
N LEU A 103 -3.63 15.16 15.30
CA LEU A 103 -3.35 14.67 13.96
C LEU A 103 -4.18 15.43 12.91
N ALA A 104 -5.44 15.76 13.24
CA ALA A 104 -6.28 16.46 12.28
C ALA A 104 -5.77 17.87 12.04
N GLU A 105 -5.23 18.49 13.09
CA GLU A 105 -4.61 19.81 12.93
C GLU A 105 -3.41 19.72 11.99
N VAL A 106 -2.53 18.75 12.24
CA VAL A 106 -1.38 18.53 11.36
C VAL A 106 -1.84 18.29 9.93
N PHE A 107 -2.87 17.43 9.77
CA PHE A 107 -3.37 17.12 8.43
C PHE A 107 -3.93 18.37 7.76
N GLU A 108 -4.70 19.18 8.50
CA GLU A 108 -5.25 20.41 7.92
C GLU A 108 -4.13 21.33 7.45
N GLN A 109 -3.24 21.71 8.38
CA GLN A 109 -2.14 22.62 8.07
C GLN A 109 -1.36 22.22 6.82
N GLU A 110 -1.41 20.96 6.44
CA GLU A 110 -0.57 20.42 5.38
C GLU A 110 -1.28 20.06 4.09
N ILE A 111 -2.51 19.56 4.16
CA ILE A 111 -3.13 18.96 2.98
C ILE A 111 -3.55 20.00 1.94
N ASP A 112 -3.79 21.24 2.36
CA ASP A 112 -4.28 22.27 1.43
C ASP A 112 -3.34 22.50 0.27
N PRO A 113 -2.07 22.86 0.45
CA PRO A 113 -1.22 23.12 -0.71
C PRO A 113 -1.03 21.89 -1.57
N VAL A 114 -1.01 20.69 -0.98
CA VAL A 114 -0.83 19.49 -1.78
C VAL A 114 -2.03 19.27 -2.71
N MET A 115 -3.25 19.49 -2.20
CA MET A 115 -4.42 19.34 -3.07
C MET A 115 -4.43 20.42 -4.15
N GLN A 116 -4.00 21.64 -3.82
CA GLN A 116 -3.92 22.70 -4.83
C GLN A 116 -2.96 22.32 -5.96
N SER A 117 -1.90 21.57 -5.64
CA SER A 117 -0.91 21.18 -6.63
C SER A 117 -1.38 20.04 -7.54
N LEU A 118 -2.42 19.32 -7.14
CA LEU A 118 -2.87 18.16 -7.91
C LEU A 118 -4.00 18.50 -8.86
N ILE B 6 -12.41 -15.68 6.17
CA ILE B 6 -10.98 -15.75 5.83
C ILE B 6 -10.77 -16.93 4.88
N PHE B 7 -9.53 -17.15 4.46
CA PHE B 7 -9.20 -17.95 3.29
C PHE B 7 -8.35 -19.15 3.63
N LYS B 8 -8.41 -20.17 2.76
CA LYS B 8 -7.61 -21.38 2.70
C LYS B 8 -6.43 -21.17 1.76
N PRO B 9 -5.23 -21.61 2.14
CA PRO B 9 -4.03 -21.22 1.40
C PRO B 9 -3.99 -21.72 -0.04
N GLU B 10 -4.56 -22.89 -0.32
CA GLU B 10 -4.44 -23.51 -1.63
C GLU B 10 -5.50 -23.00 -2.61
N GLU B 11 -6.72 -22.76 -2.14
CA GLU B 11 -7.74 -22.17 -3.02
C GLU B 11 -7.40 -20.73 -3.35
N LEU B 12 -6.87 -19.99 -2.38
CA LEU B 12 -6.44 -18.62 -2.64
C LEU B 12 -5.38 -18.57 -3.73
N ARG B 13 -4.40 -19.49 -3.66
CA ARG B 13 -3.36 -19.57 -4.69
C ARG B 13 -3.96 -19.74 -6.08
N GLN B 14 -5.06 -20.48 -6.19
CA GLN B 14 -5.68 -20.69 -7.48
C GLN B 14 -6.46 -19.48 -7.97
N ALA B 15 -6.95 -18.64 -7.08
CA ALA B 15 -7.57 -17.40 -7.52
C ALA B 15 -6.53 -16.36 -7.91
N LEU B 16 -5.37 -16.35 -7.24
CA LEU B 16 -4.36 -15.32 -7.47
C LEU B 16 -3.41 -15.67 -8.62
N MET B 17 -3.09 -16.95 -8.78
CA MET B 17 -2.13 -17.36 -9.81
C MET B 17 -2.43 -16.77 -11.19
N PRO B 18 -3.68 -16.64 -11.63
CA PRO B 18 -3.94 -15.95 -12.92
C PRO B 18 -3.32 -14.56 -13.00
N THR B 19 -3.25 -13.82 -11.89
CA THR B 19 -2.68 -12.48 -11.93
C THR B 19 -1.17 -12.51 -12.06
N LEU B 20 -0.53 -13.53 -11.49
CA LEU B 20 0.92 -13.64 -11.61
C LEU B 20 1.31 -14.01 -13.04
N GLU B 21 0.61 -14.97 -13.63
N GLU B 21 0.61 -14.97 -13.64
N GLU B 21 0.60 -14.97 -13.65
CA GLU B 21 0.93 -15.37 -15.00
CA GLU B 21 0.96 -15.36 -15.01
CA GLU B 21 0.94 -15.37 -15.01
C GLU B 21 0.69 -14.26 -16.00
C GLU B 21 0.73 -14.22 -15.99
C GLU B 21 0.69 -14.26 -16.02
N ALA B 22 -0.31 -13.41 -15.77
CA ALA B 22 -0.54 -12.26 -16.65
C ALA B 22 0.64 -11.30 -16.63
N LEU B 23 1.38 -11.24 -15.52
CA LEU B 23 2.60 -10.43 -15.49
C LEU B 23 3.74 -11.10 -16.25
N TYR B 24 3.95 -12.41 -16.03
CA TYR B 24 4.95 -13.15 -16.81
C TYR B 24 4.65 -13.09 -18.30
N ARG B 25 3.37 -13.03 -18.69
N ARG B 25 3.36 -13.00 -18.67
CA ARG B 25 3.05 -13.01 -20.11
CA ARG B 25 2.94 -12.97 -20.06
C ARG B 25 3.48 -11.73 -20.80
C ARG B 25 3.43 -11.72 -20.78
N GLN B 26 3.80 -10.68 -20.03
CA GLN B 26 4.18 -9.39 -20.60
C GLN B 26 5.63 -9.43 -21.03
N ASP B 27 5.87 -9.44 -22.35
CA ASP B 27 7.20 -9.48 -22.89
C ASP B 27 7.33 -8.33 -23.88
N PRO B 28 8.36 -7.49 -23.76
CA PRO B 28 9.54 -7.68 -22.91
C PRO B 28 9.45 -7.13 -21.49
N GLU B 29 8.30 -6.58 -21.08
CA GLU B 29 8.26 -5.77 -19.87
C GLU B 29 8.55 -6.55 -18.58
N SER B 30 8.22 -7.84 -18.52
CA SER B 30 8.49 -8.59 -17.30
C SER B 30 9.90 -9.15 -17.22
N LEU B 31 10.66 -9.10 -18.31
CA LEU B 31 11.98 -9.73 -18.29
C LEU B 31 12.87 -9.20 -17.18
N PRO B 32 12.98 -7.88 -16.94
CA PRO B 32 13.84 -7.41 -15.85
C PRO B 32 13.32 -7.80 -14.49
N PHE B 33 12.12 -8.39 -14.43
CA PHE B 33 11.47 -8.73 -13.18
C PHE B 33 11.38 -10.23 -12.95
N ARG B 34 11.94 -11.07 -13.82
CA ARG B 34 11.71 -12.51 -13.69
C ARG B 34 12.64 -13.19 -12.69
N GLN B 35 13.72 -12.54 -12.28
CA GLN B 35 14.69 -13.14 -11.36
C GLN B 35 15.22 -12.05 -10.43
N PRO B 36 15.71 -12.44 -9.25
CA PRO B 36 16.29 -11.44 -8.34
C PRO B 36 17.43 -10.70 -9.03
N VAL B 37 17.47 -9.38 -8.80
CA VAL B 37 18.49 -8.55 -9.41
C VAL B 37 19.86 -8.94 -8.86
N ASP B 38 20.80 -9.22 -9.75
CA ASP B 38 22.21 -9.39 -9.41
C ASP B 38 22.93 -8.08 -9.77
N PRO B 39 23.03 -7.14 -8.82
CA PRO B 39 23.57 -5.81 -9.18
C PRO B 39 24.95 -5.85 -9.82
N GLN B 40 25.85 -6.70 -9.33
CA GLN B 40 27.20 -6.76 -9.91
C GLN B 40 27.16 -7.27 -11.33
N LEU B 41 26.38 -8.33 -11.57
CA LEU B 41 26.33 -8.92 -12.92
C LEU B 41 25.77 -7.95 -13.94
N LEU B 42 24.72 -7.21 -13.58
CA LEU B 42 24.07 -6.29 -14.51
C LEU B 42 24.71 -4.91 -14.54
N GLY B 43 25.80 -4.70 -13.81
CA GLY B 43 26.47 -3.42 -13.84
C GLY B 43 25.76 -2.30 -13.12
N ILE B 44 24.87 -2.63 -12.19
CA ILE B 44 24.20 -1.62 -11.37
C ILE B 44 24.56 -1.92 -9.91
N PRO B 45 25.81 -1.72 -9.49
CA PRO B 45 26.24 -2.22 -8.17
C PRO B 45 25.55 -1.52 -7.02
N ASP B 46 25.12 -0.26 -7.17
CA ASP B 46 24.48 0.47 -6.09
C ASP B 46 23.03 0.06 -5.87
N TYR B 47 22.57 -1.02 -6.52
CA TYR B 47 21.16 -1.41 -6.42
C TYR B 47 20.77 -1.73 -4.98
N PHE B 48 21.51 -2.65 -4.35
CA PHE B 48 21.17 -3.08 -2.98
C PHE B 48 21.26 -1.95 -1.97
N ASP B 49 21.95 -0.86 -2.30
CA ASP B 49 21.98 0.29 -1.42
C ASP B 49 20.63 1.02 -1.41
N ILE B 50 20.02 1.17 -2.58
CA ILE B 50 18.75 1.89 -2.68
C ILE B 50 17.57 0.98 -2.42
N VAL B 51 17.58 -0.23 -2.99
CA VAL B 51 16.51 -1.20 -2.81
C VAL B 51 16.88 -2.12 -1.64
N LYS B 52 16.18 -1.95 -0.52
CA LYS B 52 16.49 -2.71 0.70
C LYS B 52 15.78 -4.05 0.76
N ASN B 53 14.59 -4.15 0.18
CA ASN B 53 13.79 -5.38 0.19
C ASN B 53 13.58 -5.82 -1.25
N PRO B 54 14.58 -6.43 -1.88
CA PRO B 54 14.42 -6.87 -3.27
C PRO B 54 13.26 -7.84 -3.40
N MET B 55 12.53 -7.71 -4.50
CA MET B 55 11.36 -8.55 -4.74
C MET B 55 11.20 -8.71 -6.24
N ASP B 56 10.81 -9.90 -6.65
CA ASP B 56 10.70 -10.20 -8.08
C ASP B 56 9.71 -11.34 -8.26
N LEU B 57 9.35 -11.57 -9.53
CA LEU B 57 8.30 -12.54 -9.83
C LEU B 57 8.70 -13.94 -9.37
N SER B 58 9.96 -14.33 -9.55
CA SER B 58 10.35 -15.69 -9.20
C SER B 58 10.19 -15.93 -7.70
N THR B 59 10.54 -14.93 -6.88
CA THR B 59 10.33 -15.05 -5.44
C THR B 59 8.85 -15.07 -5.11
N ILE B 60 8.06 -14.26 -5.81
CA ILE B 60 6.61 -14.25 -5.59
C ILE B 60 6.02 -15.63 -5.91
N LYS B 61 6.36 -16.17 -7.08
CA LYS B 61 5.82 -17.47 -7.49
C LYS B 61 6.22 -18.56 -6.50
N ARG B 62 7.49 -18.57 -6.09
CA ARG B 62 7.96 -19.54 -5.10
C ARG B 62 7.14 -19.42 -3.80
N LYS B 63 6.82 -18.19 -3.40
CA LYS B 63 6.07 -17.99 -2.17
C LYS B 63 4.60 -18.39 -2.34
N LEU B 64 4.01 -18.06 -3.50
CA LEU B 64 2.60 -18.36 -3.71
C LEU B 64 2.34 -19.86 -3.73
N ASP B 65 3.27 -20.64 -4.27
CA ASP B 65 3.04 -22.07 -4.41
C ASP B 65 3.25 -22.81 -3.10
N THR B 66 3.23 -22.07 -1.98
CA THR B 66 3.44 -22.67 -0.67
C THR B 66 2.63 -21.97 0.41
N GLY B 67 1.45 -21.47 0.07
CA GLY B 67 0.55 -20.88 1.05
C GLY B 67 1.14 -19.77 1.89
N GLN B 68 2.33 -19.27 1.51
CA GLN B 68 2.94 -18.16 2.25
C GLN B 68 2.16 -16.88 2.09
N TYR B 69 1.23 -16.82 1.15
CA TYR B 69 0.22 -15.78 1.11
C TYR B 69 -1.05 -16.41 1.68
N GLN B 70 -1.23 -16.29 3.00
CA GLN B 70 -2.44 -16.80 3.63
C GLN B 70 -3.63 -15.89 3.39
N GLU B 71 -3.39 -14.62 3.09
CA GLU B 71 -4.41 -13.64 2.80
C GLU B 71 -4.02 -12.89 1.54
N PRO B 72 -5.00 -12.40 0.76
CA PRO B 72 -4.65 -11.77 -0.53
C PRO B 72 -3.79 -10.53 -0.41
N TRP B 73 -3.89 -9.78 0.69
CA TRP B 73 -3.14 -8.54 0.80
C TRP B 73 -1.63 -8.79 0.85
N GLN B 74 -1.20 -9.93 1.40
CA GLN B 74 0.23 -10.24 1.44
C GLN B 74 0.79 -10.44 0.04
N TYR B 75 0.00 -11.03 -0.85
CA TYR B 75 0.43 -11.19 -2.23
C TYR B 75 0.53 -9.83 -2.93
N VAL B 76 -0.52 -9.02 -2.78
CA VAL B 76 -0.55 -7.68 -3.37
C VAL B 76 0.62 -6.84 -2.87
N ASP B 77 0.95 -6.99 -1.58
CA ASP B 77 2.08 -6.28 -0.98
C ASP B 77 3.37 -6.57 -1.72
N ASP B 78 3.62 -7.84 -2.05
CA ASP B 78 4.87 -8.20 -2.71
C ASP B 78 4.89 -7.74 -4.15
N VAL B 79 3.72 -7.77 -4.83
CA VAL B 79 3.68 -7.29 -6.22
C VAL B 79 4.02 -5.81 -6.27
N TRP B 80 3.43 -5.03 -5.37
CA TRP B 80 3.69 -3.59 -5.38
C TRP B 80 5.03 -3.24 -4.77
N LEU B 81 5.59 -4.09 -3.91
CA LEU B 81 6.99 -3.92 -3.51
C LEU B 81 7.89 -3.99 -4.73
N MET B 82 7.66 -5.00 -5.59
CA MET B 82 8.38 -5.09 -6.85
C MET B 82 8.21 -3.83 -7.69
N PHE B 83 6.96 -3.35 -7.83
CA PHE B 83 6.73 -2.13 -8.61
C PHE B 83 7.42 -0.93 -7.95
N ASN B 84 7.19 -0.74 -6.66
CA ASN B 84 7.76 0.44 -6.01
C ASN B 84 9.28 0.44 -6.02
N ASN B 85 9.92 -0.73 -5.90
CA ASN B 85 11.36 -0.82 -6.02
C ASN B 85 11.82 -0.30 -7.38
N ALA B 86 11.12 -0.69 -8.45
CA ALA B 86 11.54 -0.28 -9.78
C ALA B 86 11.31 1.20 -10.00
N TRP B 87 10.19 1.74 -9.51
CA TRP B 87 9.96 3.16 -9.67
C TRP B 87 10.93 3.99 -8.84
N LEU B 88 11.45 3.42 -7.75
CA LEU B 88 12.43 4.11 -6.93
C LEU B 88 13.81 4.10 -7.58
N TYR B 89 14.28 2.92 -8.00
CA TYR B 89 15.65 2.79 -8.47
C TYR B 89 15.86 3.43 -9.84
N ASN B 90 14.88 3.34 -10.73
CA ASN B 90 15.07 3.73 -12.12
C ASN B 90 14.54 5.13 -12.36
N ARG B 91 15.15 5.82 -13.32
CA ARG B 91 14.69 7.17 -13.64
C ARG B 91 13.38 7.14 -14.41
N LYS B 92 12.58 8.19 -14.26
CA LYS B 92 11.30 8.27 -14.94
C LYS B 92 11.44 8.14 -16.46
N THR B 93 12.61 8.47 -17.00
CA THR B 93 12.85 8.44 -18.44
C THR B 93 13.35 7.09 -18.92
N SER B 94 13.53 6.13 -18.03
CA SER B 94 14.22 4.90 -18.34
C SER B 94 13.27 3.82 -18.85
N ARG B 95 13.86 2.86 -19.56
CA ARG B 95 13.16 1.67 -20.02
C ARG B 95 12.45 0.92 -18.88
N VAL B 96 13.17 0.59 -17.81
CA VAL B 96 12.59 -0.28 -16.79
C VAL B 96 11.50 0.45 -16.01
N TYR B 97 11.63 1.75 -15.82
CA TYR B 97 10.55 2.50 -15.18
C TYR B 97 9.27 2.39 -15.98
N LYS B 98 9.35 2.54 -17.31
CA LYS B 98 8.13 2.44 -18.11
C LYS B 98 7.63 1.00 -18.19
N PHE B 99 8.53 0.01 -18.31
CA PHE B 99 8.12 -1.39 -18.15
C PHE B 99 7.29 -1.56 -16.88
N CYS B 100 7.77 -0.98 -15.79
CA CYS B 100 7.09 -1.15 -14.51
C CYS B 100 5.69 -0.55 -14.54
N SER B 101 5.55 0.66 -15.09
CA SER B 101 4.22 1.26 -15.23
C SER B 101 3.31 0.38 -16.08
N LYS B 102 3.86 -0.33 -17.08
CA LYS B 102 3.07 -1.27 -17.86
C LYS B 102 2.57 -2.43 -16.99
N LEU B 103 3.47 -3.05 -16.23
CA LEU B 103 3.07 -4.20 -15.41
C LEU B 103 2.01 -3.78 -14.38
N ALA B 104 2.17 -2.59 -13.80
CA ALA B 104 1.19 -2.13 -12.83
C ALA B 104 -0.19 -1.98 -13.46
N GLU B 105 -0.25 -1.61 -14.74
CA GLU B 105 -1.54 -1.50 -15.42
C GLU B 105 -2.12 -2.87 -15.70
N VAL B 106 -1.29 -3.84 -16.09
CA VAL B 106 -1.77 -5.19 -16.27
C VAL B 106 -2.25 -5.75 -14.94
N PHE B 107 -1.48 -5.54 -13.86
CA PHE B 107 -1.86 -6.11 -12.58
C PHE B 107 -3.18 -5.53 -12.08
N GLU B 108 -3.33 -4.20 -12.15
CA GLU B 108 -4.57 -3.59 -11.71
C GLU B 108 -5.78 -4.12 -12.48
N GLN B 109 -5.62 -4.38 -13.78
CA GLN B 109 -6.71 -5.00 -14.53
C GLN B 109 -7.02 -6.41 -14.02
N GLU B 110 -5.96 -7.16 -13.67
CA GLU B 110 -6.15 -8.56 -13.30
C GLU B 110 -6.61 -8.73 -11.86
N ILE B 111 -6.17 -7.85 -10.94
CA ILE B 111 -6.36 -8.09 -9.52
C ILE B 111 -7.71 -7.64 -8.98
N ASP B 112 -8.43 -6.78 -9.69
CA ASP B 112 -9.68 -6.30 -9.13
C ASP B 112 -10.82 -7.32 -9.28
N PRO B 113 -11.02 -7.96 -10.44
CA PRO B 113 -12.06 -9.00 -10.51
C PRO B 113 -11.81 -10.15 -9.56
N VAL B 114 -10.56 -10.51 -9.29
CA VAL B 114 -10.30 -11.58 -8.33
C VAL B 114 -10.47 -11.06 -6.90
N MET B 115 -10.27 -9.75 -6.68
CA MET B 115 -10.47 -9.20 -5.34
C MET B 115 -11.92 -9.38 -4.88
N GLN B 116 -12.87 -9.03 -5.74
CA GLN B 116 -14.28 -9.28 -5.43
C GLN B 116 -14.50 -10.78 -5.21
N SER B 117 -14.36 -11.23 -3.97
CA SER B 117 -14.49 -12.64 -3.63
C SER B 117 -14.59 -12.83 -2.12
CAA PKU C . -8.30 4.61 17.56
CAD PKU C . -10.23 3.03 22.81
CAE PKU C . -8.81 2.38 21.27
CAH PKU C . -9.49 4.02 19.55
CAI PKU C . -9.26 2.17 22.53
CAJ PKU C . -9.55 3.39 20.78
NAF PKU C . -8.37 3.88 18.84
NAG PKU C . -10.40 3.80 21.73
OAB PKU C . -10.44 4.72 19.16
BR PKU C . -8.63 0.83 23.82
CAA PKU D . 14.20 -4.74 -11.61
CAD PKU D . 18.26 -1.56 -14.21
CAE PKU D . 17.71 -3.64 -13.80
CAH PKU D . 15.77 -3.15 -12.41
CAI PKU D . 18.58 -2.83 -14.44
CAJ PKU D . 16.85 -2.83 -13.17
NAF PKU D . 15.39 -4.43 -12.44
NAG PKU D . 17.17 -1.57 -13.42
OAB PKU D . 15.17 -2.30 -11.77
BR PKU D . 20.11 -3.32 -15.55
#